data_8I65
#
_entry.id   8I65
#
_cell.length_a   39.130
_cell.length_b   63.220
_cell.length_c   45.380
_cell.angle_alpha   90.00
_cell.angle_beta   112.93
_cell.angle_gamma   90.00
#
_symmetry.space_group_name_H-M   'P 1 21 1'
#
loop_
_entity.id
_entity.type
_entity.pdbx_description
1 polymer 'Uracil-DNA glycosylase'
2 non-polymer '2,4-dioxo-1,2,3,4-tetrahydropyrimidine-5-carboxylic acid'
3 non-polymer 1,2-ETHANEDIOL
4 water water
#
_entity_poly.entity_id   1
_entity_poly.type   'polypeptide(L)'
_entity_poly.pdbx_seq_one_letter_code
;MHHHHHHGMASMTARPLSELVERGWAAALEPVADQVAHMGQFLRAEIAAGRRYLPAGSNVLRAFTFPFDNVRVLIVGQDP
YPTPGHAVGLSFSVAPDVRPWPRSLANIFDEYTADLGYPLPSNGDLTPWAQRGVLLLNRVLTVRPSNPASHRGKGWEAVT
ECAIRALAARAAPLVAILWGRDASTLKPMLAAGNCVAIESPHPSPLSASRGFFGSRPFSRANELLVGMGAEPIDWRLP
;
_entity_poly.pdbx_strand_id   A
#
loop_
_chem_comp.id
_chem_comp.type
_chem_comp.name
_chem_comp.formula
5CU non-polymer '2,4-dioxo-1,2,3,4-tetrahydropyrimidine-5-carboxylic acid' 'C5 H4 N2 O4'
EDO non-polymer 1,2-ETHANEDIOL 'C2 H6 O2'
#
# COMPACT_ATOMS: atom_id res chain seq x y z
N ALA A 10 -18.77 -5.12 -12.74
CA ALA A 10 -18.10 -5.23 -11.40
C ALA A 10 -16.67 -4.67 -11.49
N SER A 11 -15.95 -4.91 -12.60
CA SER A 11 -14.52 -4.53 -12.73
C SER A 11 -14.37 -3.01 -12.84
N MET A 12 -13.12 -2.55 -12.79
CA MET A 12 -12.78 -1.12 -12.93
C MET A 12 -12.87 -0.74 -14.42
N THR A 13 -13.04 -1.70 -15.33
CA THR A 13 -13.35 -1.45 -16.76
C THR A 13 -14.81 -0.99 -16.88
N ALA A 14 -15.69 -1.66 -16.13
CA ALA A 14 -17.18 -1.62 -16.24
C ALA A 14 -17.80 -0.48 -15.39
N ARG A 15 -17.26 -0.14 -14.23
CA ARG A 15 -17.96 0.75 -13.26
C ARG A 15 -17.07 1.93 -12.85
N PRO A 16 -17.71 3.07 -12.49
CA PRO A 16 -16.99 4.29 -12.16
C PRO A 16 -16.37 4.25 -10.76
N LEU A 17 -15.40 5.12 -10.52
CA LEU A 17 -14.71 5.28 -9.23
C LEU A 17 -15.76 5.48 -8.12
N SER A 18 -16.84 6.22 -8.40
CA SER A 18 -17.91 6.51 -7.41
C SER A 18 -18.51 5.21 -6.84
N GLU A 19 -18.36 4.09 -7.54
CA GLU A 19 -18.88 2.79 -7.06
C GLU A 19 -17.71 1.96 -6.49
N LEU A 20 -16.52 2.04 -7.08
CA LEU A 20 -15.39 1.10 -6.77
C LEU A 20 -14.74 1.47 -5.41
N VAL A 21 -14.65 2.77 -5.11
CA VAL A 21 -13.84 3.27 -3.96
C VAL A 21 -14.68 4.23 -3.10
N GLU A 22 -14.13 4.56 -1.94
CA GLU A 22 -14.77 5.45 -0.94
C GLU A 22 -14.90 6.86 -1.53
N ARG A 23 -15.87 7.63 -1.04
CA ARG A 23 -16.28 8.88 -1.71
C ARG A 23 -15.07 9.82 -1.89
N GLY A 24 -14.29 10.00 -0.82
CA GLY A 24 -13.12 10.89 -0.80
C GLY A 24 -12.09 10.46 -1.83
N TRP A 25 -11.77 9.17 -1.85
CA TRP A 25 -10.88 8.57 -2.87
C TRP A 25 -11.42 8.75 -4.28
N ALA A 26 -12.73 8.66 -4.50
CA ALA A 26 -13.29 8.77 -5.86
C ALA A 26 -12.96 10.16 -6.41
N ALA A 27 -13.11 11.22 -5.61
CA ALA A 27 -12.84 12.61 -6.02
C ALA A 27 -11.32 12.78 -6.18
N ALA A 28 -10.52 12.16 -5.31
CA ALA A 28 -9.05 12.26 -5.29
C ALA A 28 -8.47 11.67 -6.58
N LEU A 29 -9.09 10.58 -7.06
CA LEU A 29 -8.57 9.80 -8.21
C LEU A 29 -9.27 10.18 -9.52
N GLU A 30 -10.08 11.24 -9.53
CA GLU A 30 -10.76 11.77 -10.75
C GLU A 30 -9.76 12.02 -11.87
N PRO A 31 -8.55 12.60 -11.66
CA PRO A 31 -7.60 12.79 -12.75
C PRO A 31 -7.15 11.50 -13.46
N VAL A 32 -7.26 10.34 -12.83
CA VAL A 32 -6.80 9.04 -13.41
C VAL A 32 -8.01 8.10 -13.65
N ALA A 33 -9.22 8.64 -13.68
CA ALA A 33 -10.46 7.87 -13.97
C ALA A 33 -10.29 7.05 -15.25
N ASP A 34 -9.80 7.65 -16.34
CA ASP A 34 -9.67 6.93 -17.63
C ASP A 34 -8.56 5.89 -17.52
N GLN A 35 -7.49 6.22 -16.78
CA GLN A 35 -6.32 5.34 -16.58
C GLN A 35 -6.76 4.10 -15.78
N VAL A 36 -7.65 4.27 -14.80
CA VAL A 36 -8.18 3.13 -13.98
C VAL A 36 -8.99 2.22 -14.91
N ALA A 37 -9.90 2.77 -15.74
CA ALA A 37 -10.66 1.99 -16.74
C ALA A 37 -9.69 1.25 -17.68
N HIS A 38 -8.57 1.88 -18.06
CA HIS A 38 -7.55 1.31 -18.97
C HIS A 38 -6.91 0.10 -18.28
N MET A 39 -6.64 0.22 -16.99
CA MET A 39 -6.07 -0.91 -16.23
C MET A 39 -7.08 -2.07 -16.22
N GLY A 40 -8.36 -1.79 -16.07
CA GLY A 40 -9.45 -2.78 -16.23
C GLY A 40 -9.31 -3.54 -17.54
N GLN A 41 -9.03 -2.82 -18.63
N GLN A 41 -9.03 -2.81 -18.62
CA GLN A 41 -8.91 -3.39 -20.00
CA GLN A 41 -8.92 -3.36 -20.00
C GLN A 41 -7.65 -4.27 -20.06
C GLN A 41 -7.65 -4.23 -20.09
N PHE A 42 -6.56 -3.82 -19.43
CA PHE A 42 -5.28 -4.56 -19.39
C PHE A 42 -5.50 -5.91 -18.71
N LEU A 43 -6.18 -5.93 -17.56
CA LEU A 43 -6.41 -7.21 -16.81
C LEU A 43 -7.33 -8.14 -17.61
N ARG A 44 -8.33 -7.58 -18.28
CA ARG A 44 -9.24 -8.36 -19.17
C ARG A 44 -8.38 -9.07 -20.22
N ALA A 45 -7.46 -8.33 -20.82
CA ALA A 45 -6.60 -8.83 -21.93
C ALA A 45 -5.69 -9.91 -21.41
N GLU A 46 -5.24 -9.80 -20.15
CA GLU A 46 -4.39 -10.85 -19.52
C GLU A 46 -5.18 -12.15 -19.37
N ILE A 47 -6.43 -12.06 -18.89
CA ILE A 47 -7.31 -13.25 -18.73
C ILE A 47 -7.60 -13.84 -20.11
N ALA A 48 -7.89 -12.98 -21.10
CA ALA A 48 -8.18 -13.40 -22.48
C ALA A 48 -7.00 -14.23 -23.00
N ALA A 49 -5.75 -13.86 -22.67
CA ALA A 49 -4.52 -14.47 -23.20
C ALA A 49 -4.12 -15.72 -22.41
N GLY A 50 -4.74 -15.96 -21.25
CA GLY A 50 -4.50 -17.15 -20.41
C GLY A 50 -3.43 -16.90 -19.35
N ARG A 51 -3.14 -15.63 -19.06
CA ARG A 51 -2.28 -15.23 -17.92
C ARG A 51 -3.19 -14.78 -16.76
N ARG A 52 -2.70 -14.96 -15.54
N ARG A 52 -2.74 -15.03 -15.53
CA ARG A 52 -3.49 -14.73 -14.31
CA ARG A 52 -3.52 -14.73 -14.30
C ARG A 52 -2.95 -13.47 -13.61
C ARG A 52 -3.02 -13.39 -13.72
N TYR A 53 -3.73 -12.88 -12.71
CA TYR A 53 -3.28 -11.72 -11.90
C TYR A 53 -3.77 -11.85 -10.47
N LEU A 54 -3.03 -11.17 -9.57
CA LEU A 54 -3.29 -11.08 -8.12
C LEU A 54 -3.20 -9.61 -7.74
N PRO A 55 -3.97 -9.14 -6.73
CA PRO A 55 -5.01 -9.92 -6.06
C PRO A 55 -6.25 -10.14 -6.93
N ALA A 56 -7.31 -10.69 -6.36
CA ALA A 56 -8.59 -10.89 -7.07
C ALA A 56 -9.09 -9.50 -7.49
N GLY A 57 -9.79 -9.43 -8.62
CA GLY A 57 -10.21 -8.15 -9.24
C GLY A 57 -10.90 -7.25 -8.24
N SER A 58 -11.76 -7.80 -7.39
CA SER A 58 -12.57 -7.01 -6.46
C SER A 58 -11.70 -6.50 -5.30
N ASN A 59 -10.45 -6.97 -5.14
CA ASN A 59 -9.52 -6.49 -4.08
C ASN A 59 -8.50 -5.48 -4.64
N VAL A 60 -8.44 -5.29 -5.95
CA VAL A 60 -7.28 -4.53 -6.53
C VAL A 60 -7.24 -3.13 -5.91
N LEU A 61 -8.40 -2.48 -5.78
CA LEU A 61 -8.43 -1.07 -5.30
C LEU A 61 -8.83 -0.97 -3.82
N ARG A 62 -8.66 -2.06 -3.09
CA ARG A 62 -9.16 -2.18 -1.69
C ARG A 62 -8.57 -1.09 -0.82
N ALA A 63 -7.33 -0.66 -1.05
CA ALA A 63 -6.68 0.32 -0.13
C ALA A 63 -7.48 1.63 -0.17
N PHE A 64 -8.21 1.89 -1.25
CA PHE A 64 -8.98 3.15 -1.41
C PHE A 64 -10.43 2.96 -0.96
N THR A 65 -10.74 1.93 -0.17
CA THR A 65 -12.11 1.70 0.35
C THR A 65 -12.19 2.12 1.83
N PHE A 66 -11.07 2.55 2.41
CA PHE A 66 -10.97 3.25 3.73
C PHE A 66 -10.99 4.76 3.45
N PRO A 67 -11.54 5.64 4.34
CA PRO A 67 -11.70 7.06 4.03
C PRO A 67 -10.38 7.82 3.74
N PHE A 68 -10.36 8.48 2.57
CA PHE A 68 -9.29 9.37 2.10
C PHE A 68 -9.01 10.40 3.19
N ASP A 69 -10.08 11.02 3.70
CA ASP A 69 -9.99 12.14 4.66
C ASP A 69 -9.33 11.68 5.97
N ASN A 70 -9.32 10.37 6.31
CA ASN A 70 -8.79 9.86 7.61
C ASN A 70 -7.33 9.38 7.48
N VAL A 71 -6.72 9.41 6.30
CA VAL A 71 -5.32 8.93 6.13
C VAL A 71 -4.39 9.90 6.88
N ARG A 72 -3.56 9.36 7.78
CA ARG A 72 -2.48 10.11 8.48
C ARG A 72 -1.10 9.58 8.07
N VAL A 73 -0.98 8.28 7.78
CA VAL A 73 0.30 7.65 7.36
C VAL A 73 0.00 6.81 6.12
N LEU A 74 0.92 6.78 5.14
CA LEU A 74 0.84 5.75 4.08
C LEU A 74 2.11 4.91 4.13
N ILE A 75 1.93 3.61 3.97
CA ILE A 75 3.02 2.62 3.80
C ILE A 75 2.98 2.16 2.34
N VAL A 76 4.07 2.31 1.62
CA VAL A 76 4.11 2.00 0.16
C VAL A 76 5.15 0.93 -0.06
N GLY A 77 4.68 -0.23 -0.52
CA GLY A 77 5.52 -1.29 -1.12
C GLY A 77 5.67 -1.15 -2.62
N GLN A 78 6.15 -2.23 -3.23
CA GLN A 78 6.45 -2.32 -4.68
C GLN A 78 5.21 -2.79 -5.44
N ASP A 79 4.78 -4.03 -5.15
CA ASP A 79 3.69 -4.72 -5.88
C ASP A 79 3.13 -5.84 -5.00
N PRO A 80 1.96 -6.41 -5.33
CA PRO A 80 1.34 -7.41 -4.44
C PRO A 80 2.13 -8.71 -4.32
N TYR A 81 1.81 -9.49 -3.29
CA TYR A 81 2.47 -10.81 -3.04
C TYR A 81 2.31 -11.67 -4.28
N PRO A 82 3.37 -12.37 -4.74
CA PRO A 82 3.27 -13.20 -5.94
C PRO A 82 2.64 -14.57 -5.78
N THR A 83 2.37 -15.02 -4.54
CA THR A 83 1.84 -16.37 -4.27
C THR A 83 0.32 -16.31 -4.17
N PRO A 84 -0.40 -17.16 -4.93
CA PRO A 84 -1.85 -17.27 -4.79
C PRO A 84 -2.25 -17.55 -3.34
N GLY A 85 -3.25 -16.82 -2.85
CA GLY A 85 -3.77 -16.91 -1.49
C GLY A 85 -3.16 -15.92 -0.51
N HIS A 86 -2.22 -15.06 -0.95
CA HIS A 86 -1.54 -14.08 -0.06
C HIS A 86 -2.14 -12.69 -0.26
N ALA A 87 -1.99 -12.08 -1.44
CA ALA A 87 -2.43 -10.68 -1.69
C ALA A 87 -3.93 -10.51 -1.46
N VAL A 88 -4.31 -9.42 -0.80
CA VAL A 88 -5.73 -9.11 -0.48
C VAL A 88 -6.01 -7.63 -0.83
N GLY A 89 -5.12 -6.95 -1.56
CA GLY A 89 -5.34 -5.56 -1.99
C GLY A 89 -5.01 -4.55 -0.91
N LEU A 90 -4.44 -4.96 0.21
CA LEU A 90 -3.81 -4.06 1.22
C LEU A 90 -2.34 -4.47 1.27
N SER A 91 -1.40 -3.53 1.05
CA SER A 91 0.03 -3.88 0.94
C SER A 91 0.44 -4.65 2.20
N PHE A 92 1.11 -5.79 1.98
CA PHE A 92 1.79 -6.66 2.98
C PHE A 92 0.79 -7.48 3.82
N SER A 93 -0.50 -7.18 3.78
CA SER A 93 -1.53 -7.84 4.60
C SER A 93 -1.83 -9.22 4.02
N VAL A 94 -2.20 -10.18 4.86
CA VAL A 94 -2.72 -11.49 4.41
C VAL A 94 -4.02 -11.75 5.19
N ALA A 95 -4.88 -12.63 4.67
CA ALA A 95 -6.18 -12.95 5.30
C ALA A 95 -5.92 -13.60 6.66
N PRO A 96 -6.80 -13.39 7.67
CA PRO A 96 -6.55 -13.89 9.02
C PRO A 96 -6.18 -15.40 9.10
N ASP A 97 -6.59 -16.22 8.13
CA ASP A 97 -6.36 -17.70 8.20
C ASP A 97 -5.06 -18.10 7.48
N VAL A 98 -4.24 -17.15 7.01
CA VAL A 98 -3.00 -17.48 6.25
C VAL A 98 -1.87 -17.76 7.26
N ARG A 99 -1.22 -18.92 7.12
CA ARG A 99 0.03 -19.29 7.82
C ARG A 99 0.72 -20.37 7.00
N PRO A 100 2.07 -20.38 6.89
CA PRO A 100 2.92 -19.38 7.51
C PRO A 100 2.76 -18.00 6.85
N TRP A 101 3.18 -16.95 7.56
CA TRP A 101 3.36 -15.57 7.02
C TRP A 101 4.34 -15.59 5.86
N PRO A 102 4.13 -14.75 4.82
CA PRO A 102 5.16 -14.43 3.86
C PRO A 102 6.40 -13.85 4.57
N ARG A 103 7.59 -14.18 4.08
CA ARG A 103 8.86 -13.80 4.75
C ARG A 103 8.96 -12.27 4.89
N SER A 104 8.53 -11.49 3.90
CA SER A 104 8.43 -10.00 4.00
C SER A 104 7.64 -9.61 5.25
N LEU A 105 6.45 -10.21 5.46
CA LEU A 105 5.59 -9.88 6.62
C LEU A 105 6.26 -10.34 7.93
N ALA A 106 6.90 -11.50 7.94
CA ALA A 106 7.64 -11.99 9.14
C ALA A 106 8.71 -10.96 9.51
N ASN A 107 9.40 -10.39 8.51
CA ASN A 107 10.44 -9.34 8.69
C ASN A 107 9.82 -8.03 9.19
N ILE A 108 8.65 -7.63 8.68
CA ILE A 108 7.93 -6.43 9.18
C ILE A 108 7.59 -6.64 10.66
N PHE A 109 7.10 -7.83 11.04
CA PHE A 109 6.69 -8.15 12.43
C PHE A 109 7.92 -8.20 13.35
N ASP A 110 9.08 -8.62 12.84
CA ASP A 110 10.33 -8.62 13.64
C ASP A 110 10.73 -7.18 13.96
N GLU A 111 10.67 -6.26 13.00
CA GLU A 111 10.98 -4.83 13.24
C GLU A 111 9.89 -4.21 14.14
N TYR A 112 8.62 -4.57 13.93
CA TYR A 112 7.46 -4.10 14.74
C TYR A 112 7.71 -4.41 16.21
N THR A 113 8.17 -5.62 16.54
CA THR A 113 8.42 -6.00 17.94
C THR A 113 9.64 -5.22 18.46
N ALA A 114 10.74 -5.19 17.70
CA ALA A 114 12.01 -4.54 18.06
C ALA A 114 11.77 -3.05 18.32
N ASP A 115 10.97 -2.40 17.47
CA ASP A 115 10.68 -0.96 17.57
C ASP A 115 9.71 -0.69 18.73
N LEU A 116 8.61 -1.44 18.84
CA LEU A 116 7.46 -0.98 19.66
C LEU A 116 7.42 -1.74 20.99
N GLY A 117 7.99 -2.94 21.02
CA GLY A 117 8.06 -3.78 22.23
C GLY A 117 6.84 -4.68 22.38
N TYR A 118 5.94 -4.67 21.38
CA TYR A 118 4.66 -5.43 21.36
C TYR A 118 4.97 -6.89 21.08
N PRO A 119 4.13 -7.86 21.49
CA PRO A 119 4.35 -9.25 21.11
C PRO A 119 4.01 -9.43 19.63
N LEU A 120 4.57 -10.48 19.04
CA LEU A 120 4.17 -10.93 17.69
C LEU A 120 2.65 -10.89 17.57
N PRO A 121 2.11 -10.32 16.48
CA PRO A 121 0.68 -10.38 16.20
C PRO A 121 0.18 -11.83 16.12
N SER A 122 -1.10 -12.05 16.41
CA SER A 122 -1.79 -13.37 16.33
C SER A 122 -1.79 -13.86 14.88
N ASN A 123 -1.92 -12.96 13.91
CA ASN A 123 -2.03 -13.34 12.48
C ASN A 123 -1.52 -12.16 11.62
N GLY A 124 -1.64 -12.32 10.30
CA GLY A 124 -1.03 -11.43 9.30
C GLY A 124 -1.99 -10.38 8.78
N ASP A 125 -3.12 -10.17 9.43
CA ASP A 125 -4.18 -9.24 8.94
C ASP A 125 -3.91 -7.82 9.46
N LEU A 126 -3.60 -6.90 8.55
CA LEU A 126 -3.19 -5.51 8.83
C LEU A 126 -4.40 -4.59 8.72
N THR A 127 -5.60 -5.15 8.61
N THR A 127 -5.62 -5.12 8.65
CA THR A 127 -6.87 -4.39 8.59
CA THR A 127 -6.83 -4.28 8.53
C THR A 127 -6.90 -3.34 9.70
C THR A 127 -6.97 -3.34 9.74
N PRO A 128 -6.49 -3.65 10.97
CA PRO A 128 -6.48 -2.63 12.03
C PRO A 128 -5.80 -1.31 11.63
N TRP A 129 -4.63 -1.40 11.01
CA TRP A 129 -3.87 -0.23 10.50
C TRP A 129 -4.71 0.53 9.47
N ALA A 130 -5.38 -0.18 8.55
CA ALA A 130 -6.19 0.48 7.50
C ALA A 130 -7.37 1.19 8.17
N GLN A 131 -7.88 0.63 9.26
CA GLN A 131 -9.03 1.18 10.04
C GLN A 131 -8.61 2.37 10.91
N ARG A 132 -7.31 2.59 11.13
CA ARG A 132 -6.76 3.62 12.06
C ARG A 132 -5.99 4.70 11.30
N GLY A 133 -6.22 4.83 10.01
CA GLY A 133 -5.72 5.95 9.19
C GLY A 133 -4.41 5.65 8.49
N VAL A 134 -4.07 4.37 8.32
CA VAL A 134 -2.87 3.98 7.55
C VAL A 134 -3.31 3.50 6.16
N LEU A 135 -2.85 4.17 5.10
CA LEU A 135 -3.09 3.73 3.71
C LEU A 135 -2.06 2.65 3.40
N LEU A 136 -2.50 1.42 3.06
CA LEU A 136 -1.58 0.29 2.74
C LEU A 136 -1.47 0.13 1.22
N LEU A 137 -0.58 0.91 0.62
CA LEU A 137 -0.49 1.08 -0.84
C LEU A 137 0.70 0.27 -1.38
N ASN A 138 0.62 -0.18 -2.63
CA ASN A 138 1.77 -0.65 -3.45
C ASN A 138 1.91 0.33 -4.61
N ARG A 139 3.13 0.56 -5.09
CA ARG A 139 3.36 1.45 -6.25
C ARG A 139 2.62 0.88 -7.46
N VAL A 140 2.56 -0.45 -7.56
CA VAL A 140 1.87 -1.19 -8.65
C VAL A 140 0.84 -2.12 -8.00
N LEU A 141 -0.40 -2.18 -8.49
CA LEU A 141 -1.52 -2.79 -7.73
C LEU A 141 -1.89 -4.20 -8.21
N THR A 142 -1.20 -4.76 -9.22
CA THR A 142 -1.39 -6.16 -9.67
C THR A 142 -0.06 -6.79 -10.03
N VAL A 143 -0.05 -8.10 -10.07
CA VAL A 143 1.16 -8.93 -10.40
C VAL A 143 0.69 -10.25 -11.00
N ARG A 144 1.50 -10.84 -11.88
CA ARG A 144 1.24 -12.21 -12.40
C ARG A 144 1.75 -13.20 -11.35
N PRO A 145 1.01 -14.27 -11.01
CA PRO A 145 1.47 -15.19 -9.97
C PRO A 145 2.91 -15.67 -10.23
N SER A 146 3.71 -15.74 -9.16
CA SER A 146 5.10 -16.28 -9.10
C SER A 146 6.07 -15.39 -9.88
N ASN A 147 5.66 -14.21 -10.35
CA ASN A 147 6.53 -13.31 -11.16
C ASN A 147 6.47 -11.90 -10.59
N PRO A 148 7.17 -11.65 -9.46
CA PRO A 148 7.33 -10.31 -8.92
C PRO A 148 7.71 -9.26 -9.97
N ALA A 149 7.02 -8.13 -9.91
CA ALA A 149 7.26 -6.91 -10.71
C ALA A 149 6.83 -7.11 -12.17
N SER A 150 6.04 -8.15 -12.46
CA SER A 150 5.61 -8.51 -13.84
C SER A 150 4.70 -7.44 -14.43
N HIS A 151 3.97 -6.66 -13.63
CA HIS A 151 3.10 -5.56 -14.13
C HIS A 151 3.73 -4.16 -13.90
N ARG A 152 5.03 -4.09 -13.63
CA ARG A 152 5.71 -2.77 -13.55
C ARG A 152 5.65 -2.12 -14.95
N GLY A 153 5.35 -0.82 -14.99
CA GLY A 153 5.34 -0.01 -16.21
C GLY A 153 4.15 -0.31 -17.11
N LYS A 154 3.03 -0.84 -16.60
CA LYS A 154 1.82 -1.17 -17.40
C LYS A 154 0.66 -0.18 -17.16
N GLY A 155 0.89 0.89 -16.39
CA GLY A 155 -0.08 1.99 -16.24
C GLY A 155 -0.47 2.25 -14.78
N TRP A 156 -0.14 1.38 -13.83
CA TRP A 156 -0.50 1.62 -12.41
C TRP A 156 0.24 2.81 -11.81
N GLU A 157 1.45 3.12 -12.28
CA GLU A 157 2.28 4.16 -11.62
C GLU A 157 1.54 5.51 -11.64
N ALA A 158 0.81 5.83 -12.71
CA ALA A 158 0.08 7.13 -12.77
C ALA A 158 -1.03 7.15 -11.71
N VAL A 159 -1.64 6.00 -11.44
CA VAL A 159 -2.74 5.90 -10.42
C VAL A 159 -2.14 6.15 -9.02
N THR A 160 -1.05 5.44 -8.65
CA THR A 160 -0.47 5.55 -7.28
C THR A 160 0.21 6.94 -7.16
N GLU A 161 0.71 7.51 -8.24
CA GLU A 161 1.22 8.91 -8.19
C GLU A 161 0.06 9.83 -7.83
N CYS A 162 -1.10 9.64 -8.47
CA CYS A 162 -2.26 10.55 -8.30
C CYS A 162 -2.74 10.46 -6.84
N ALA A 163 -2.78 9.25 -6.28
CA ALA A 163 -3.21 9.02 -4.88
C ALA A 163 -2.32 9.82 -3.93
N ILE A 164 -0.99 9.73 -4.09
CA ILE A 164 0.00 10.39 -3.19
C ILE A 164 -0.15 11.91 -3.35
N ARG A 165 -0.24 12.35 -4.59
CA ARG A 165 -0.37 13.80 -4.91
C ARG A 165 -1.64 14.35 -4.25
N ALA A 166 -2.73 13.62 -4.30
CA ALA A 166 -4.04 14.06 -3.75
C ALA A 166 -3.96 14.12 -2.21
N LEU A 167 -3.42 13.08 -1.58
CA LEU A 167 -3.17 13.08 -0.11
C LEU A 167 -2.33 14.30 0.29
N ALA A 168 -1.27 14.61 -0.46
CA ALA A 168 -0.28 15.64 -0.06
C ALA A 168 -0.93 17.03 -0.13
N ALA A 169 -1.87 17.22 -1.05
CA ALA A 169 -2.55 18.52 -1.29
C ALA A 169 -3.63 18.77 -0.24
N ARG A 170 -4.04 17.76 0.51
CA ARG A 170 -5.01 17.95 1.63
C ARG A 170 -4.38 18.91 2.63
N ALA A 171 -5.21 19.68 3.31
CA ALA A 171 -4.79 20.64 4.35
C ALA A 171 -4.69 19.86 5.68
N ALA A 172 -3.70 18.95 5.74
CA ALA A 172 -3.57 17.94 6.81
C ALA A 172 -2.14 17.42 6.81
N PRO A 173 -1.55 17.09 7.98
CA PRO A 173 -0.23 16.50 8.02
C PRO A 173 -0.27 15.09 7.39
N LEU A 174 0.87 14.66 6.83
CA LEU A 174 1.00 13.30 6.23
C LEU A 174 2.41 12.81 6.46
N VAL A 175 2.55 11.55 6.85
CA VAL A 175 3.85 10.85 6.91
C VAL A 175 3.76 9.68 5.94
N ALA A 176 4.80 9.51 5.12
CA ALA A 176 4.92 8.42 4.13
C ALA A 176 6.07 7.52 4.57
N ILE A 177 5.83 6.22 4.67
CA ILE A 177 6.87 5.17 4.84
C ILE A 177 7.05 4.49 3.48
N LEU A 178 8.23 4.65 2.90
CA LEU A 178 8.49 4.23 1.50
C LEU A 178 9.51 3.10 1.56
N TRP A 179 9.05 1.87 1.30
CA TRP A 179 9.83 0.62 1.43
C TRP A 179 10.28 0.19 0.05
N GLY A 180 11.54 0.45 -0.28
CA GLY A 180 12.15 -0.01 -1.53
C GLY A 180 12.17 1.05 -2.62
N ARG A 181 12.83 0.70 -3.71
CA ARG A 181 13.17 1.63 -4.83
C ARG A 181 11.92 2.11 -5.56
N ASP A 182 10.98 1.21 -5.90
CA ASP A 182 9.72 1.62 -6.60
C ASP A 182 8.91 2.57 -5.72
N ALA A 183 8.73 2.27 -4.43
CA ALA A 183 8.03 3.19 -3.49
C ALA A 183 8.69 4.57 -3.47
N SER A 184 10.02 4.62 -3.46
N SER A 184 10.03 4.57 -3.46
CA SER A 184 10.77 5.89 -3.27
CA SER A 184 10.92 5.76 -3.36
C SER A 184 10.67 6.79 -4.51
C SER A 184 10.59 6.78 -4.47
N THR A 185 10.13 6.33 -5.64
CA THR A 185 9.85 7.22 -6.80
C THR A 185 8.65 8.13 -6.49
N LEU A 186 7.94 7.94 -5.37
CA LEU A 186 6.86 8.86 -4.90
C LEU A 186 7.46 10.03 -4.10
N LYS A 187 8.73 9.97 -3.73
CA LYS A 187 9.38 10.97 -2.84
C LYS A 187 9.22 12.40 -3.36
N PRO A 188 9.46 12.69 -4.66
CA PRO A 188 9.33 14.06 -5.16
C PRO A 188 7.95 14.72 -4.94
N MET A 189 6.88 13.91 -4.86
CA MET A 189 5.48 14.39 -4.71
C MET A 189 5.16 14.72 -3.24
N LEU A 190 6.10 14.46 -2.33
CA LEU A 190 5.96 14.72 -0.86
C LEU A 190 6.83 15.90 -0.42
N ALA A 191 7.26 16.78 -1.33
CA ALA A 191 8.21 17.88 -1.05
C ALA A 191 7.60 18.95 -0.14
N ALA A 192 6.28 19.13 -0.19
CA ALA A 192 5.53 20.20 0.54
C ALA A 192 5.70 20.08 2.06
N GLY A 193 5.52 21.19 2.78
CA GLY A 193 5.88 21.29 4.22
C GLY A 193 4.96 20.53 5.15
N ASN A 194 3.76 20.13 4.71
CA ASN A 194 2.80 19.31 5.52
C ASN A 194 3.16 17.83 5.44
N CYS A 195 4.14 17.49 4.61
CA CYS A 195 4.49 16.10 4.26
C CYS A 195 5.92 15.79 4.68
N VAL A 196 6.15 14.58 5.18
CA VAL A 196 7.53 14.12 5.48
C VAL A 196 7.58 12.64 5.10
N ALA A 197 8.66 12.21 4.45
CA ALA A 197 8.84 10.80 4.01
C ALA A 197 9.94 10.13 4.83
N ILE A 198 9.67 8.89 5.25
CA ILE A 198 10.68 7.93 5.79
C ILE A 198 10.98 6.97 4.65
N GLU A 199 12.26 6.81 4.31
CA GLU A 199 12.70 5.86 3.25
C GLU A 199 13.61 4.81 3.88
N SER A 200 13.42 3.56 3.48
CA SER A 200 14.34 2.45 3.83
C SER A 200 14.31 1.39 2.75
N PRO A 201 15.33 0.51 2.68
CA PRO A 201 15.23 -0.68 1.86
C PRO A 201 14.00 -1.52 2.28
N HIS A 202 13.55 -2.35 1.35
CA HIS A 202 12.31 -3.14 1.42
C HIS A 202 12.49 -4.31 2.39
N PRO A 203 11.46 -4.69 3.17
CA PRO A 203 11.60 -5.79 4.13
C PRO A 203 11.76 -7.21 3.54
N SER A 204 11.72 -7.35 2.23
CA SER A 204 12.01 -8.63 1.52
C SER A 204 13.37 -9.15 1.99
N PRO A 205 13.54 -10.47 2.21
CA PRO A 205 14.84 -11.02 2.57
C PRO A 205 16.03 -10.53 1.71
N LEU A 206 15.79 -10.18 0.44
CA LEU A 206 16.85 -9.84 -0.53
C LEU A 206 17.51 -8.53 -0.10
N SER A 207 16.73 -7.63 0.52
CA SER A 207 17.08 -6.21 0.78
C SER A 207 17.10 -5.87 2.28
N ALA A 208 16.40 -6.60 3.15
CA ALA A 208 16.06 -6.15 4.53
C ALA A 208 17.33 -5.89 5.36
N SER A 209 18.37 -6.68 5.18
CA SER A 209 19.64 -6.59 5.95
C SER A 209 20.42 -5.34 5.54
N ARG A 210 19.97 -4.62 4.52
CA ARG A 210 20.68 -3.41 4.03
C ARG A 210 20.08 -2.14 4.63
N GLY A 211 19.18 -2.23 5.62
CA GLY A 211 18.68 -1.03 6.30
C GLY A 211 17.22 -1.11 6.77
N PHE A 212 16.47 -2.14 6.38
CA PHE A 212 15.08 -2.31 6.89
C PHE A 212 15.12 -2.57 8.40
N PHE A 213 15.82 -3.63 8.81
CA PHE A 213 15.96 -3.99 10.25
C PHE A 213 16.66 -2.84 10.96
N GLY A 214 16.09 -2.33 12.07
CA GLY A 214 16.69 -1.24 12.87
C GLY A 214 16.20 0.14 12.47
N SER A 215 15.35 0.22 11.42
CA SER A 215 14.90 1.49 10.82
C SER A 215 13.82 2.17 11.67
N ARG A 216 13.12 1.45 12.56
CA ARG A 216 12.16 2.02 13.56
C ARG A 216 11.09 2.89 12.87
N PRO A 217 10.45 2.42 11.75
CA PRO A 217 9.54 3.27 10.99
C PRO A 217 8.28 3.65 11.78
N PHE A 218 7.86 2.76 12.68
CA PHE A 218 6.55 2.88 13.38
C PHE A 218 6.69 3.98 14.42
N SER A 219 7.74 3.90 15.23
CA SER A 219 8.00 4.90 16.29
C SER A 219 8.38 6.25 15.64
N ARG A 220 9.15 6.26 14.56
CA ARG A 220 9.56 7.53 13.89
C ARG A 220 8.35 8.21 13.22
N ALA A 221 7.43 7.46 12.62
CA ALA A 221 6.21 8.06 12.04
C ALA A 221 5.41 8.75 13.15
N ASN A 222 5.27 8.11 14.32
CA ASN A 222 4.49 8.66 15.46
C ASN A 222 5.17 9.94 15.99
N GLU A 223 6.51 9.96 16.11
CA GLU A 223 7.28 11.17 16.50
C GLU A 223 6.99 12.30 15.50
N LEU A 224 6.99 11.97 14.21
CA LEU A 224 6.79 12.95 13.10
C LEU A 224 5.36 13.50 13.17
N LEU A 225 4.35 12.65 13.39
CA LEU A 225 2.92 13.05 13.54
C LEU A 225 2.75 13.98 14.75
N VAL A 226 3.21 13.53 15.93
CA VAL A 226 3.13 14.30 17.21
C VAL A 226 3.71 15.70 16.99
N GLY A 227 4.89 15.78 16.35
CA GLY A 227 5.60 17.04 16.06
C GLY A 227 4.83 17.95 15.10
N MET A 228 3.94 17.40 14.27
CA MET A 228 3.11 18.19 13.32
C MET A 228 1.72 18.45 13.91
N GLY A 229 1.48 18.08 15.16
CA GLY A 229 0.20 18.34 15.87
C GLY A 229 -0.85 17.28 15.59
N ALA A 230 -0.48 16.20 14.87
CA ALA A 230 -1.38 15.10 14.47
C ALA A 230 -1.34 14.02 15.54
N GLU A 231 -2.42 13.26 15.65
CA GLU A 231 -2.52 12.11 16.59
C GLU A 231 -1.67 10.97 16.06
N PRO A 232 -0.89 10.31 16.93
CA PRO A 232 -0.09 9.15 16.51
C PRO A 232 -0.98 7.98 16.08
N ILE A 233 -0.42 7.08 15.27
CA ILE A 233 -1.07 5.81 14.88
C ILE A 233 -1.02 4.88 16.08
N ASP A 234 -2.11 4.18 16.38
CA ASP A 234 -2.04 3.02 17.30
C ASP A 234 -1.66 1.80 16.45
N TRP A 235 -0.40 1.38 16.54
CA TRP A 235 0.15 0.30 15.68
C TRP A 235 -0.21 -1.08 16.26
N ARG A 236 -0.67 -1.15 17.50
CA ARG A 236 -0.79 -2.44 18.23
C ARG A 236 -1.79 -3.34 17.50
N LEU A 237 -1.31 -4.49 17.02
CA LEU A 237 -2.14 -5.56 16.41
C LEU A 237 -2.48 -6.57 17.49
N PRO A 238 -3.67 -7.21 17.47
CA PRO A 238 -4.02 -8.23 18.46
C PRO A 238 -3.12 -9.46 18.30
O53 5CU B . 7.58 -8.55 -0.99
C51 5CU B . 7.14 -7.58 -1.68
O52 5CU B . 7.78 -7.04 -2.63
C5 5CU B . 5.74 -7.07 -1.39
C4 5CU B . 5.38 -5.68 -1.53
O4 5CU B . 6.13 -4.78 -1.86
N3 5CU B . 4.05 -5.37 -1.24
C2 5CU B . 3.08 -6.27 -0.90
O2 5CU B . 1.92 -5.96 -0.68
N1 5CU B . 3.52 -7.57 -0.80
C6 5CU B . 4.78 -7.96 -1.05
C1 EDO C . -2.22 20.75 -6.06
O1 EDO C . -1.87 21.31 -4.82
C2 EDO C . -2.30 19.26 -6.05
O2 EDO C . -1.07 18.50 -6.12
C1 EDO D . 14.57 7.80 6.43
O1 EDO D . 14.53 8.36 5.13
C2 EDO D . 15.46 6.61 6.65
O2 EDO D . 14.81 5.54 7.33
C1 EDO E . -2.71 -6.37 -23.58
O1 EDO E . -3.19 -5.16 -23.03
C2 EDO E . -2.05 -7.31 -22.63
O2 EDO E . -2.51 -7.21 -21.28
C1 EDO F . 5.05 -18.15 9.86
O1 EDO F . 3.87 -17.55 10.34
C2 EDO F . 6.25 -17.77 10.64
O2 EDO F . 6.31 -16.39 10.90
C1 EDO G . 12.49 -2.71 -3.48
O1 EDO G . 13.79 -2.44 -3.91
C2 EDO G . 11.48 -2.92 -4.57
O2 EDO G . 10.79 -1.80 -5.09
C1 EDO H . 9.77 -15.83 8.03
O1 EDO H . 10.87 -16.60 7.66
C2 EDO H . 8.62 -16.62 8.54
O2 EDO H . 7.60 -16.80 7.57
#